data_6FNI
#
_entry.id   6FNI
#
_cell.length_a   114.215
_cell.length_b   114.215
_cell.length_c   53.192
_cell.angle_alpha   90.00
_cell.angle_beta   90.00
_cell.angle_gamma   120.00
#
_symmetry.space_group_name_H-M   'P 61'
#
loop_
_entity.id
_entity.type
_entity.pdbx_description
1 polymer 'Ephrin type-B receptor 4'
2 non-polymer 4-methyl-3-[(1-methyl-6-pyridin-3-yl-pyrazolo[3,4-d]pyrimidin-4-yl)amino]-~{N}-[3-(trifluoromethyl)phenyl]benzamide
3 water water
#
_entity_poly.entity_id   1
_entity_poly.type   'polypeptide(L)'
_entity_poly.pdbx_seq_one_letter_code
;GMDPNEAVREFAKEIDVSYVKIEEVIGAGEFGEVCRGRLKAPGKKESCVAIKTLKGGYTERQRREFLSEASIMGQFEHPN
IIRLEGVVTNSMPVMILTEFMENGALDSFLRLNDGQFTVIQLVGMLRGIASGMRYLAEMSYVHRDLAARNILVNSNLVCK
VSDFGLSRFLEENSSDPTETSSLGGKIPIRWTAPEAIAFRKFTSASDVWSYGIVMWEVMSFGERPYWDMSNQDVINAIEQ
DYRLPPPPDCPTSLHQLMLDCWQKDRNARPRFPQIVSALDKMIRNPASLKIVARENG
;
_entity_poly.pdbx_strand_id   A
#
# COMPACT_ATOMS: atom_id res chain seq x y z
N ALA A 12 11.88 -6.62 16.69
CA ALA A 12 11.90 -5.43 17.53
C ALA A 12 13.32 -5.12 18.00
N LYS A 13 14.21 -4.88 17.06
CA LYS A 13 15.59 -4.52 17.40
C LYS A 13 15.60 -3.21 18.16
N GLU A 14 16.20 -3.21 19.34
CA GLU A 14 16.37 -1.97 20.08
C GLU A 14 17.52 -1.16 19.47
N ILE A 15 17.29 0.14 19.34
CA ILE A 15 18.28 1.05 18.78
C ILE A 15 18.66 2.07 19.84
N ASP A 16 19.97 2.29 20.00
CA ASP A 16 20.47 3.33 20.88
C ASP A 16 20.21 4.69 20.24
N VAL A 17 19.75 5.64 21.06
CA VAL A 17 19.32 6.93 20.53
C VAL A 17 20.49 7.71 19.95
N SER A 18 21.70 7.54 20.48
CA SER A 18 22.84 8.28 19.96
C SER A 18 23.06 8.03 18.48
N TYR A 19 22.52 6.94 17.93
CA TYR A 19 22.55 6.73 16.49
C TYR A 19 21.47 7.52 15.77
N VAL A 20 20.40 7.87 16.48
CA VAL A 20 19.20 8.46 15.88
C VAL A 20 19.19 9.95 16.13
N LYS A 21 19.07 10.73 15.05
CA LYS A 21 18.96 12.19 15.13
C LYS A 21 17.70 12.60 14.37
N ILE A 22 16.79 13.31 15.04
CA ILE A 22 15.48 13.62 14.49
C ILE A 22 15.56 14.91 13.69
N GLU A 23 15.01 14.89 12.48
CA GLU A 23 14.91 16.10 11.67
C GLU A 23 13.46 16.45 11.36
N GLU A 24 13.20 17.03 10.20
CA GLU A 24 11.93 17.70 9.94
C GLU A 24 10.73 16.80 10.20
N VAL A 25 9.63 17.41 10.61
CA VAL A 25 8.37 16.71 10.76
C VAL A 25 7.76 16.51 9.38
N ILE A 26 7.39 15.27 9.08
CA ILE A 26 6.77 14.94 7.80
C ILE A 26 5.29 14.65 7.93
N GLY A 27 4.74 14.62 9.13
CA GLY A 27 3.34 14.33 9.31
C GLY A 27 3.04 14.07 10.77
N ALA A 28 1.79 13.65 11.02
CA ALA A 28 1.32 13.37 12.36
C ALA A 28 0.64 12.01 12.38
N GLY A 29 0.76 11.33 13.52
CA GLY A 29 0.17 10.04 13.72
C GLY A 29 -0.80 10.03 14.89
N GLU A 30 -1.38 8.85 15.13
CA GLU A 30 -2.33 8.70 16.22
C GLU A 30 -1.71 9.05 17.57
N PHE A 31 -0.41 8.82 17.73
CA PHE A 31 0.25 9.03 19.01
C PHE A 31 1.25 10.17 18.99
N GLY A 32 1.28 10.98 17.93
CA GLY A 32 2.17 12.12 17.91
C GLY A 32 2.84 12.36 16.57
N GLU A 33 4.02 12.96 16.60
CA GLU A 33 4.68 13.39 15.39
C GLU A 33 5.24 12.20 14.62
N VAL A 34 5.47 12.42 13.33
CA VAL A 34 6.24 11.52 12.48
C VAL A 34 7.30 12.36 11.80
N CYS A 35 8.56 11.95 11.91
CA CYS A 35 9.67 12.78 11.48
C CYS A 35 10.59 12.02 10.55
N ARG A 36 11.35 12.79 9.79
CA ARG A 36 12.47 12.30 9.00
C ARG A 36 13.71 12.31 9.88
N GLY A 37 14.62 11.36 9.65
CA GLY A 37 15.78 11.29 10.50
C GLY A 37 16.92 10.53 9.86
N ARG A 38 17.99 10.38 10.64
CA ARG A 38 19.16 9.64 10.22
C ARG A 38 19.52 8.56 11.22
N LEU A 39 20.07 7.50 10.71
CA LEU A 39 20.46 6.36 11.54
C LEU A 39 21.90 6.01 11.23
N LYS A 40 22.74 6.01 12.27
CA LYS A 40 24.17 5.71 12.13
C LYS A 40 24.53 4.62 13.13
N ALA A 41 24.54 3.38 12.68
CA ALA A 41 24.90 2.26 13.53
C ALA A 41 26.35 1.86 13.34
N PRO A 42 26.96 1.38 14.41
CA PRO A 42 28.28 0.74 14.32
C PRO A 42 28.38 -0.16 13.10
N GLY A 43 29.44 0.05 12.31
CA GLY A 43 29.77 -0.82 11.21
C GLY A 43 28.90 -0.71 9.99
N LYS A 44 27.84 0.10 10.03
CA LYS A 44 26.92 0.25 8.91
C LYS A 44 26.89 1.69 8.46
N LYS A 45 26.58 1.88 7.18
CA LYS A 45 26.50 3.21 6.61
C LYS A 45 25.39 3.99 7.29
N GLU A 46 25.39 5.29 7.06
CA GLU A 46 24.36 6.18 7.57
C GLU A 46 23.24 6.19 6.55
N SER A 47 21.99 6.03 7.02
CA SER A 47 20.85 5.98 6.13
C SER A 47 19.76 6.91 6.65
N CYS A 48 18.79 7.19 5.79
CA CYS A 48 17.62 7.98 6.17
C CYS A 48 16.55 7.06 6.73
N VAL A 49 15.86 7.54 7.75
CA VAL A 49 14.80 6.78 8.40
C VAL A 49 13.61 7.68 8.66
N ALA A 50 12.43 7.06 8.71
CA ALA A 50 11.20 7.73 9.11
C ALA A 50 10.85 7.24 10.51
N ILE A 51 10.38 8.14 11.36
CA ILE A 51 10.26 7.85 12.78
C ILE A 51 8.91 8.33 13.31
N LYS A 52 8.17 7.41 13.91
CA LYS A 52 7.00 7.75 14.72
C LYS A 52 7.49 8.01 16.14
N THR A 53 7.15 9.15 16.70
CA THR A 53 7.50 9.47 18.07
C THR A 53 6.28 9.37 18.98
N LEU A 54 6.52 9.48 20.28
CA LEU A 54 5.46 9.37 21.27
C LEU A 54 5.81 10.08 22.57
N GLU A 60 3.13 11.09 28.29
CA GLU A 60 2.46 9.93 27.70
C GLU A 60 2.16 8.88 28.74
N ARG A 61 1.01 8.24 28.58
CA ARG A 61 0.59 7.19 29.51
C ARG A 61 1.46 5.95 29.37
N GLN A 62 1.02 4.85 29.98
CA GLN A 62 1.76 3.60 29.93
C GLN A 62 1.22 2.68 28.84
N ARG A 63 0.34 3.22 28.01
CA ARG A 63 -0.24 2.46 26.89
C ARG A 63 0.84 1.84 26.02
N ARG A 64 0.70 0.54 25.77
CA ARG A 64 1.66 -0.17 24.93
C ARG A 64 1.15 -0.29 23.50
N GLU A 65 0.06 0.43 23.20
CA GLU A 65 -0.52 0.40 21.87
C GLU A 65 0.47 0.88 20.82
N PHE A 66 1.22 1.93 21.15
CA PHE A 66 2.20 2.49 20.24
C PHE A 66 3.19 1.42 19.78
N LEU A 67 3.71 0.64 20.73
CA LEU A 67 4.71 -0.37 20.40
C LEU A 67 4.10 -1.65 19.85
N SER A 68 2.82 -1.90 20.10
CA SER A 68 2.20 -3.10 19.54
C SER A 68 2.30 -3.13 18.03
N GLU A 69 2.25 -1.96 17.38
CA GLU A 69 2.45 -1.90 15.94
C GLU A 69 3.82 -2.43 15.55
N ALA A 70 4.86 -2.06 16.30
CA ALA A 70 6.20 -2.52 15.99
C ALA A 70 6.31 -4.03 16.10
N SER A 71 5.58 -4.63 17.03
CA SER A 71 5.58 -6.08 17.13
C SER A 71 4.93 -6.72 15.91
N ILE A 72 3.95 -6.04 15.32
CA ILE A 72 3.34 -6.54 14.09
C ILE A 72 4.32 -6.38 12.93
N MET A 73 4.92 -5.19 12.81
CA MET A 73 5.80 -4.89 11.68
C MET A 73 7.03 -5.80 11.66
N GLY A 74 7.52 -6.20 12.83
CA GLY A 74 8.74 -6.98 12.90
C GLY A 74 8.63 -8.37 12.32
N GLN A 75 7.41 -8.88 12.15
CA GLN A 75 7.24 -10.17 11.52
C GLN A 75 7.53 -10.12 10.02
N PHE A 76 7.51 -8.93 9.42
CA PHE A 76 7.50 -8.77 7.97
C PHE A 76 8.90 -8.50 7.46
N GLU A 77 9.37 -9.35 6.56
CA GLU A 77 10.66 -9.15 5.89
C GLU A 77 10.41 -9.54 4.43
N HIS A 78 10.29 -8.53 3.57
CA HIS A 78 9.96 -8.74 2.17
C HIS A 78 10.30 -7.47 1.43
N PRO A 79 10.77 -7.57 0.17
CA PRO A 79 11.19 -6.36 -0.54
C PRO A 79 10.06 -5.41 -0.85
N ASN A 80 8.82 -5.85 -0.74
CA ASN A 80 7.67 -4.99 -1.03
C ASN A 80 6.82 -4.73 0.21
N ILE A 81 7.41 -4.87 1.38
CA ILE A 81 6.77 -4.47 2.63
C ILE A 81 7.71 -3.53 3.35
N ILE A 82 7.16 -2.43 3.86
CA ILE A 82 8.00 -1.44 4.53
C ILE A 82 8.80 -2.12 5.63
N ARG A 83 10.06 -1.74 5.75
CA ARG A 83 11.02 -2.45 6.60
C ARG A 83 11.20 -1.69 7.91
N LEU A 84 10.79 -2.32 9.01
CA LEU A 84 11.07 -1.77 10.33
C LEU A 84 12.58 -1.78 10.58
N GLU A 85 13.13 -0.62 10.91
CA GLU A 85 14.52 -0.58 11.33
C GLU A 85 14.67 -1.02 12.77
N GLY A 86 13.84 -0.48 13.66
CA GLY A 86 13.91 -0.85 15.06
C GLY A 86 13.08 0.11 15.89
N VAL A 87 13.23 -0.03 17.20
CA VAL A 87 12.49 0.77 18.15
C VAL A 87 13.45 1.33 19.19
N VAL A 88 13.02 2.42 19.84
CA VAL A 88 13.64 2.88 21.06
C VAL A 88 12.57 2.87 22.15
N THR A 89 12.80 2.07 23.19
CA THR A 89 11.90 1.99 24.31
C THR A 89 12.57 2.37 25.62
N ASN A 90 13.89 2.51 25.62
CA ASN A 90 14.64 2.87 26.82
C ASN A 90 15.09 4.32 26.71
N SER A 91 14.19 5.22 26.32
CA SER A 91 14.54 6.61 26.13
C SER A 91 13.25 7.43 26.02
N MET A 92 13.42 8.74 25.85
CA MET A 92 12.32 9.62 25.55
C MET A 92 12.77 10.59 24.46
N PRO A 93 12.03 10.66 23.35
CA PRO A 93 10.75 9.99 23.09
C PRO A 93 10.87 8.52 22.71
N VAL A 94 9.78 7.76 22.89
CA VAL A 94 9.70 6.39 22.42
C VAL A 94 9.39 6.42 20.92
N MET A 95 10.08 5.57 20.15
CA MET A 95 10.06 5.73 18.71
C MET A 95 9.98 4.38 18.00
N ILE A 96 9.36 4.42 16.82
CA ILE A 96 9.35 3.32 15.87
C ILE A 96 10.04 3.81 14.61
N LEU A 97 11.01 3.05 14.13
CA LEU A 97 11.83 3.46 12.99
C LEU A 97 11.65 2.50 11.83
N THR A 98 11.49 3.06 10.64
CA THR A 98 11.52 2.30 9.41
C THR A 98 12.47 2.99 8.45
N GLU A 99 12.79 2.30 7.36
CA GLU A 99 13.48 2.92 6.25
C GLU A 99 12.68 4.11 5.76
N PHE A 100 13.38 5.09 5.19
CA PHE A 100 12.74 6.28 4.65
C PHE A 100 12.61 6.13 3.14
N MET A 101 11.42 6.40 2.64
CA MET A 101 11.11 6.21 1.23
C MET A 101 11.01 7.58 0.60
N GLU A 102 11.95 7.89 -0.30
CA GLU A 102 12.13 9.26 -0.77
C GLU A 102 10.95 9.75 -1.59
N ASN A 103 10.33 8.87 -2.34
CA ASN A 103 9.25 9.30 -3.22
C ASN A 103 7.88 9.36 -2.53
N GLY A 104 7.79 8.97 -1.28
CA GLY A 104 6.58 9.19 -0.52
C GLY A 104 5.47 8.23 -0.93
N ALA A 105 4.23 8.64 -0.64
CA ALA A 105 3.09 7.79 -0.93
C ALA A 105 2.85 7.71 -2.44
N LEU A 106 2.38 6.53 -2.87
CA LEU A 106 2.25 6.23 -4.28
C LEU A 106 1.21 7.12 -4.94
N ASP A 107 0.09 7.39 -4.27
CA ASP A 107 -0.93 8.16 -4.95
C ASP A 107 -0.45 9.56 -5.28
N SER A 108 0.17 10.23 -4.32
CA SER A 108 0.65 11.58 -4.61
C SER A 108 1.84 11.57 -5.55
N PHE A 109 2.67 10.53 -5.46
CA PHE A 109 3.78 10.39 -6.39
C PHE A 109 3.28 10.27 -7.83
N LEU A 110 2.24 9.47 -8.04
CA LEU A 110 1.76 9.31 -9.41
C LEU A 110 1.08 10.59 -9.89
N ARG A 111 0.36 11.29 -9.02
CA ARG A 111 -0.26 12.53 -9.45
C ARG A 111 0.79 13.55 -9.87
N LEU A 112 1.91 13.56 -9.15
CA LEU A 112 3.00 14.44 -9.50
C LEU A 112 3.62 14.04 -10.84
N ASN A 113 3.54 12.76 -11.20
CA ASN A 113 4.13 12.23 -12.41
C ASN A 113 3.08 11.77 -13.42
N ASP A 114 1.96 12.50 -13.49
CA ASP A 114 0.85 12.10 -14.34
C ASP A 114 1.33 11.93 -15.78
N GLY A 115 1.07 10.77 -16.36
CA GLY A 115 1.34 10.52 -17.75
C GLY A 115 2.80 10.31 -18.08
N GLN A 116 3.64 10.17 -17.06
CA GLN A 116 5.09 10.22 -17.25
C GLN A 116 5.80 8.89 -17.03
N PHE A 117 5.06 7.84 -16.69
CA PHE A 117 5.60 6.50 -16.60
C PHE A 117 4.92 5.62 -17.64
N THR A 118 5.67 4.67 -18.20
CA THR A 118 5.09 3.80 -19.20
C THR A 118 4.22 2.74 -18.55
N VAL A 119 3.38 2.11 -19.37
CA VAL A 119 2.55 1.01 -18.87
C VAL A 119 3.43 -0.07 -18.23
N ILE A 120 4.54 -0.41 -18.87
CA ILE A 120 5.39 -1.46 -18.30
C ILE A 120 5.91 -1.05 -16.92
N GLN A 121 6.24 0.23 -16.74
CA GLN A 121 6.66 0.66 -15.41
C GLN A 121 5.52 0.55 -14.42
N LEU A 122 4.31 0.94 -14.83
CA LEU A 122 3.20 0.89 -13.90
C LEU A 122 2.91 -0.55 -13.50
N VAL A 123 2.99 -1.47 -14.46
CA VAL A 123 2.77 -2.88 -14.16
C VAL A 123 3.83 -3.39 -13.19
N GLY A 124 5.07 -2.96 -13.36
CA GLY A 124 6.08 -3.35 -12.40
C GLY A 124 5.78 -2.86 -11.01
N MET A 125 5.24 -1.65 -10.90
CA MET A 125 4.81 -1.18 -9.58
C MET A 125 3.73 -2.10 -9.01
N LEU A 126 2.74 -2.43 -9.84
CA LEU A 126 1.64 -3.25 -9.36
C LEU A 126 2.13 -4.65 -9.02
N ARG A 127 3.09 -5.15 -9.79
CA ARG A 127 3.62 -6.48 -9.50
C ARG A 127 4.31 -6.50 -8.15
N GLY A 128 5.04 -5.42 -7.83
CA GLY A 128 5.65 -5.34 -6.52
C GLY A 128 4.62 -5.28 -5.42
N ILE A 129 3.61 -4.44 -5.60
CA ILE A 129 2.56 -4.39 -4.58
C ILE A 129 1.90 -5.75 -4.42
N ALA A 130 1.61 -6.43 -5.52
CA ALA A 130 0.99 -7.74 -5.44
C ALA A 130 1.90 -8.73 -4.72
N SER A 131 3.20 -8.63 -4.94
CA SER A 131 4.09 -9.56 -4.27
C SER A 131 4.10 -9.32 -2.78
N GLY A 132 4.09 -8.07 -2.36
CA GLY A 132 4.00 -7.78 -0.95
C GLY A 132 2.72 -8.31 -0.34
N MET A 133 1.61 -8.17 -1.06
CA MET A 133 0.35 -8.68 -0.53
C MET A 133 0.34 -10.19 -0.52
N ARG A 134 0.91 -10.81 -1.55
CA ARG A 134 1.02 -12.27 -1.58
C ARG A 134 1.73 -12.77 -0.33
N TYR A 135 2.76 -12.06 0.08
CA TYR A 135 3.48 -12.44 1.28
C TYR A 135 2.61 -12.27 2.50
N LEU A 136 1.92 -11.14 2.62
CA LEU A 136 1.05 -10.93 3.76
C LEU A 136 -0.03 -12.01 3.80
N ALA A 137 -0.64 -12.28 2.65
CA ALA A 137 -1.70 -13.28 2.62
C ALA A 137 -1.16 -14.65 3.04
N GLU A 138 0.02 -15.01 2.55
CA GLU A 138 0.62 -16.27 2.97
C GLU A 138 0.81 -16.33 4.47
N MET A 139 1.08 -15.20 5.09
CA MET A 139 1.28 -15.06 6.52
C MET A 139 -0.03 -14.95 7.29
N SER A 140 -1.17 -15.08 6.62
CA SER A 140 -2.47 -14.94 7.26
C SER A 140 -2.69 -13.55 7.85
N TYR A 141 -2.02 -12.54 7.30
CA TYR A 141 -2.21 -11.16 7.72
C TYR A 141 -3.13 -10.48 6.73
N VAL A 142 -4.28 -10.00 7.21
CA VAL A 142 -5.23 -9.28 6.39
C VAL A 142 -5.00 -7.80 6.61
N HIS A 143 -4.72 -7.06 5.54
CA HIS A 143 -4.29 -5.68 5.68
C HIS A 143 -5.44 -4.78 6.11
N ARG A 144 -6.56 -4.87 5.40
CA ARG A 144 -7.81 -4.18 5.67
C ARG A 144 -7.84 -2.74 5.18
N ASP A 145 -6.71 -2.15 4.83
CA ASP A 145 -6.72 -0.79 4.31
C ASP A 145 -5.73 -0.63 3.16
N LEU A 146 -5.72 -1.58 2.25
CA LEU A 146 -4.81 -1.48 1.11
C LEU A 146 -5.31 -0.41 0.14
N ALA A 147 -4.46 0.56 -0.15
CA ALA A 147 -4.82 1.72 -0.95
C ALA A 147 -3.51 2.37 -1.37
N ALA A 148 -3.52 3.09 -2.49
CA ALA A 148 -2.27 3.67 -2.96
C ALA A 148 -1.68 4.63 -1.95
N ARG A 149 -2.52 5.29 -1.14
CA ARG A 149 -1.99 6.18 -0.12
C ARG A 149 -1.20 5.44 0.95
N ASN A 150 -1.33 4.11 1.03
CA ASN A 150 -0.64 3.28 2.00
C ASN A 150 0.53 2.53 1.37
N ILE A 151 0.97 2.94 0.18
N ILE A 151 1.00 2.97 0.20
CA ILE A 151 2.12 2.34 -0.48
CA ILE A 151 2.12 2.35 -0.47
C ILE A 151 3.18 3.41 -0.57
C ILE A 151 3.20 3.41 -0.62
N LEU A 152 4.41 3.09 -0.15
CA LEU A 152 5.53 4.00 -0.26
C LEU A 152 6.42 3.58 -1.41
N VAL A 153 7.07 4.57 -2.05
CA VAL A 153 7.84 4.34 -3.27
C VAL A 153 9.28 4.76 -3.02
N ASN A 154 10.21 3.86 -3.29
CA ASN A 154 11.60 4.23 -3.10
C ASN A 154 12.18 4.86 -4.36
N SER A 155 13.45 5.27 -4.27
N SER A 155 13.46 5.23 -4.28
CA SER A 155 14.09 5.98 -5.38
CA SER A 155 14.11 5.95 -5.36
C SER A 155 14.17 5.15 -6.65
C SER A 155 14.17 5.15 -6.64
N ASN A 156 14.11 3.82 -6.55
CA ASN A 156 14.13 2.96 -7.71
C ASN A 156 12.74 2.54 -8.16
N LEU A 157 11.69 3.20 -7.65
CA LEU A 157 10.31 2.90 -7.96
C LEU A 157 9.83 1.58 -7.35
N VAL A 158 10.57 1.01 -6.42
CA VAL A 158 10.10 -0.17 -5.71
C VAL A 158 8.98 0.25 -4.77
N CYS A 159 7.83 -0.40 -4.88
CA CYS A 159 6.69 -0.07 -4.03
C CYS A 159 6.65 -0.97 -2.81
N LYS A 160 6.36 -0.38 -1.65
CA LYS A 160 6.33 -1.10 -0.39
C LYS A 160 4.99 -0.88 0.32
N VAL A 161 4.31 -1.98 0.60
CA VAL A 161 3.03 -1.91 1.29
C VAL A 161 3.28 -1.46 2.71
N SER A 162 2.54 -0.46 3.16
CA SER A 162 2.63 0.10 4.49
C SER A 162 1.22 0.21 5.06
N ASP A 163 1.11 0.76 6.27
CA ASP A 163 -0.20 1.05 6.83
C ASP A 163 -0.03 2.23 7.77
N PHE A 164 -0.50 3.40 7.35
CA PHE A 164 -0.38 4.59 8.17
C PHE A 164 -1.54 4.76 9.14
N GLY A 165 -2.60 3.98 9.00
CA GLY A 165 -3.73 4.06 9.92
C GLY A 165 -4.28 5.45 10.01
N LEU A 166 -4.61 5.87 11.22
CA LEU A 166 -4.95 7.26 11.49
C LEU A 166 -3.68 8.09 11.31
N SER A 167 -3.65 8.92 10.27
CA SER A 167 -2.42 9.64 9.96
C SER A 167 -2.75 10.89 9.16
N ARG A 168 -1.73 11.71 8.95
CA ARG A 168 -1.83 12.94 8.19
C ARG A 168 -0.42 13.38 7.83
N PHE A 169 -0.27 13.96 6.64
CA PHE A 169 1.02 14.42 6.17
C PHE A 169 1.09 15.94 6.17
N ILE A 187 -13.15 8.17 6.70
CA ILE A 187 -13.17 6.72 6.76
C ILE A 187 -13.33 6.13 5.37
N PRO A 188 -12.36 5.31 4.95
CA PRO A 188 -12.18 4.92 3.53
C PRO A 188 -12.92 3.71 2.95
N ILE A 189 -14.20 3.90 2.70
CA ILE A 189 -14.98 2.78 2.18
C ILE A 189 -14.72 2.50 0.70
N ARG A 190 -14.18 3.45 -0.05
CA ARG A 190 -14.10 3.21 -1.50
C ARG A 190 -13.01 2.22 -1.89
N TRP A 191 -12.21 1.75 -0.93
CA TRP A 191 -11.27 0.67 -1.20
C TRP A 191 -11.74 -0.65 -0.64
N THR A 192 -12.90 -0.71 -0.01
CA THR A 192 -13.28 -1.87 0.78
C THR A 192 -14.27 -2.77 0.03
N ALA A 193 -14.02 -4.07 0.08
CA ALA A 193 -14.90 -5.00 -0.58
C ALA A 193 -16.32 -4.89 -0.01
N PRO A 194 -17.32 -5.19 -0.82
CA PRO A 194 -18.70 -5.02 -0.37
C PRO A 194 -19.06 -5.88 0.82
N GLU A 195 -18.52 -7.09 0.91
CA GLU A 195 -18.82 -7.92 2.06
C GLU A 195 -18.12 -7.44 3.32
N ALA A 196 -17.06 -6.65 3.17
CA ALA A 196 -16.38 -6.13 4.34
C ALA A 196 -17.08 -4.88 4.85
N ILE A 197 -17.67 -4.10 3.95
CA ILE A 197 -18.43 -2.94 4.36
C ILE A 197 -19.61 -3.38 5.20
N ALA A 198 -20.33 -4.37 4.72
CA ALA A 198 -21.63 -4.72 5.29
C ALA A 198 -21.47 -5.71 6.44
N PHE A 199 -20.93 -6.88 6.13
CA PHE A 199 -20.83 -7.92 7.11
C PHE A 199 -19.57 -7.82 7.94
N ARG A 200 -18.71 -6.85 7.66
N ARG A 200 -18.71 -6.84 7.65
CA ARG A 200 -17.43 -6.70 8.35
CA ARG A 200 -17.42 -6.68 8.32
C ARG A 200 -16.59 -7.97 8.25
C ARG A 200 -16.60 -7.96 8.25
N LYS A 201 -16.67 -8.63 7.10
CA LYS A 201 -15.94 -9.87 6.85
C LYS A 201 -14.70 -9.47 6.04
N PHE A 202 -13.56 -9.41 6.72
CA PHE A 202 -12.28 -9.00 6.14
C PHE A 202 -11.40 -10.24 5.97
N THR A 203 -10.96 -10.47 4.74
CA THR A 203 -10.17 -11.65 4.42
C THR A 203 -9.10 -11.21 3.43
N SER A 204 -8.17 -12.10 3.12
CA SER A 204 -7.27 -11.75 2.03
C SER A 204 -8.04 -11.50 0.73
N ALA A 205 -9.21 -12.12 0.58
CA ALA A 205 -9.98 -11.88 -0.63
C ALA A 205 -10.59 -10.50 -0.64
N SER A 206 -10.92 -9.96 0.55
CA SER A 206 -11.28 -8.55 0.53
C SER A 206 -10.08 -7.67 0.28
N ASP A 207 -8.88 -8.09 0.69
CA ASP A 207 -7.71 -7.30 0.31
C ASP A 207 -7.51 -7.37 -1.20
N VAL A 208 -7.90 -8.47 -1.82
CA VAL A 208 -7.77 -8.56 -3.27
C VAL A 208 -8.67 -7.53 -3.93
N TRP A 209 -9.89 -7.35 -3.40
CA TRP A 209 -10.72 -6.28 -3.89
C TRP A 209 -9.98 -4.96 -3.81
N SER A 210 -9.41 -4.66 -2.64
CA SER A 210 -8.72 -3.39 -2.50
C SER A 210 -7.58 -3.31 -3.50
N TYR A 211 -6.92 -4.43 -3.75
CA TYR A 211 -5.80 -4.41 -4.69
C TYR A 211 -6.28 -4.02 -6.08
N GLY A 212 -7.46 -4.47 -6.47
CA GLY A 212 -7.94 -4.05 -7.75
C GLY A 212 -8.18 -2.56 -7.80
N ILE A 213 -8.65 -1.99 -6.68
CA ILE A 213 -8.77 -0.54 -6.63
C ILE A 213 -7.42 0.11 -6.77
N VAL A 214 -6.41 -0.44 -6.08
CA VAL A 214 -5.06 0.10 -6.26
C VAL A 214 -4.61 0.01 -7.70
N MET A 215 -4.94 -1.10 -8.39
CA MET A 215 -4.57 -1.18 -9.81
C MET A 215 -5.18 -0.03 -10.56
N TRP A 216 -6.44 0.29 -10.25
CA TRP A 216 -7.09 1.40 -10.94
C TRP A 216 -6.44 2.73 -10.57
N GLU A 217 -6.07 2.90 -9.30
CA GLU A 217 -5.42 4.13 -8.91
C GLU A 217 -4.11 4.29 -9.66
N VAL A 218 -3.38 3.20 -9.79
CA VAL A 218 -2.07 3.31 -10.44
C VAL A 218 -2.25 3.60 -11.93
N MET A 219 -3.13 2.86 -12.60
CA MET A 219 -3.26 3.09 -14.03
C MET A 219 -3.92 4.43 -14.33
N SER A 220 -4.55 5.04 -13.33
CA SER A 220 -5.10 6.38 -13.44
C SER A 220 -4.17 7.45 -12.92
N PHE A 221 -2.92 7.09 -12.65
CA PHE A 221 -1.95 8.05 -12.12
C PHE A 221 -2.52 8.79 -10.90
N GLY A 222 -3.13 8.04 -10.00
CA GLY A 222 -3.49 8.61 -8.70
C GLY A 222 -4.81 9.35 -8.65
N GLU A 223 -5.67 9.15 -9.64
CA GLU A 223 -7.02 9.66 -9.54
C GLU A 223 -7.71 9.01 -8.34
N ARG A 224 -8.62 9.75 -7.73
CA ARG A 224 -9.35 9.20 -6.60
C ARG A 224 -10.33 8.15 -7.12
N PRO A 225 -10.39 6.98 -6.51
CA PRO A 225 -11.36 5.98 -6.94
C PRO A 225 -12.76 6.55 -6.83
N TYR A 226 -13.57 6.32 -7.86
CA TYR A 226 -14.95 6.80 -7.92
C TYR A 226 -15.05 8.32 -7.91
N TRP A 227 -13.98 9.03 -8.27
CA TRP A 227 -14.04 10.47 -8.55
C TRP A 227 -14.60 11.16 -7.32
N ASP A 228 -15.57 12.06 -7.45
N ASP A 228 -15.58 12.06 -7.46
CA ASP A 228 -16.13 12.79 -6.32
CA ASP A 228 -16.14 12.81 -6.34
C ASP A 228 -17.42 12.19 -5.80
C ASP A 228 -17.42 12.19 -5.80
N MET A 229 -17.69 10.93 -6.12
CA MET A 229 -18.87 10.26 -5.59
C MET A 229 -18.80 10.19 -4.07
N SER A 230 -19.95 10.31 -3.43
CA SER A 230 -20.00 10.16 -1.99
C SER A 230 -19.82 8.70 -1.62
N ASN A 231 -19.43 8.47 -0.37
CA ASN A 231 -19.31 7.10 0.11
C ASN A 231 -20.60 6.32 -0.08
N GLN A 232 -21.73 6.94 0.22
CA GLN A 232 -22.99 6.25 0.01
C GLN A 232 -23.19 5.94 -1.47
N ASP A 233 -22.86 6.88 -2.34
CA ASP A 233 -23.02 6.64 -3.77
C ASP A 233 -22.15 5.47 -4.22
N VAL A 234 -20.96 5.33 -3.65
CA VAL A 234 -20.07 4.24 -4.01
C VAL A 234 -20.65 2.90 -3.58
N ILE A 235 -21.15 2.84 -2.34
CA ILE A 235 -21.75 1.60 -1.86
C ILE A 235 -22.91 1.19 -2.76
N ASN A 236 -23.77 2.15 -3.07
CA ASN A 236 -24.94 1.83 -3.88
C ASN A 236 -24.52 1.40 -5.28
N ALA A 237 -23.56 2.10 -5.87
CA ALA A 237 -23.09 1.73 -7.20
C ALA A 237 -22.54 0.31 -7.22
N ILE A 238 -21.68 -0.01 -6.25
CA ILE A 238 -21.11 -1.36 -6.19
C ILE A 238 -22.21 -2.41 -6.02
N GLU A 239 -23.19 -2.12 -5.17
CA GLU A 239 -24.25 -3.09 -4.99
C GLU A 239 -25.05 -3.30 -6.27
N GLN A 240 -25.11 -2.28 -7.11
CA GLN A 240 -25.78 -2.40 -8.40
C GLN A 240 -24.87 -2.95 -9.49
N ASP A 241 -23.73 -3.52 -9.08
CA ASP A 241 -22.79 -4.23 -9.94
C ASP A 241 -21.99 -3.32 -10.86
N TYR A 242 -21.99 -2.02 -10.60
CA TYR A 242 -21.13 -1.13 -11.37
C TYR A 242 -19.69 -1.33 -10.93
N ARG A 243 -18.77 -1.08 -11.86
CA ARG A 243 -17.34 -1.24 -11.60
C ARG A 243 -16.57 -0.14 -12.30
N LEU A 244 -15.48 0.31 -11.71
CA LEU A 244 -14.73 1.41 -12.30
C LEU A 244 -14.28 1.02 -13.71
N PRO A 245 -14.37 1.92 -14.66
CA PRO A 245 -14.09 1.59 -16.06
C PRO A 245 -12.59 1.69 -16.33
N PRO A 246 -12.14 1.26 -17.50
CA PRO A 246 -10.71 1.29 -17.77
C PRO A 246 -10.20 2.71 -17.80
N PRO A 247 -9.14 3.00 -17.06
CA PRO A 247 -8.54 4.33 -17.13
C PRO A 247 -8.02 4.60 -18.53
N PRO A 248 -7.80 5.87 -18.88
CA PRO A 248 -7.27 6.18 -20.21
C PRO A 248 -5.98 5.42 -20.46
N ASP A 249 -5.87 4.85 -21.66
CA ASP A 249 -4.69 4.12 -22.10
C ASP A 249 -4.46 2.83 -21.36
N CYS A 250 -5.40 2.39 -20.54
CA CYS A 250 -5.19 1.18 -19.78
C CYS A 250 -5.33 -0.05 -20.67
N PRO A 251 -4.34 -0.95 -20.69
CA PRO A 251 -4.49 -2.20 -21.43
C PRO A 251 -5.73 -2.96 -20.98
N THR A 252 -6.42 -3.56 -21.94
CA THR A 252 -7.64 -4.27 -21.62
C THR A 252 -7.38 -5.42 -20.66
N SER A 253 -6.25 -6.10 -20.81
CA SER A 253 -5.94 -7.22 -19.95
C SER A 253 -5.78 -6.78 -18.49
N LEU A 254 -5.28 -5.56 -18.26
CA LEU A 254 -5.17 -5.06 -16.90
C LEU A 254 -6.53 -4.72 -16.32
N HIS A 255 -7.40 -4.11 -17.11
CA HIS A 255 -8.73 -3.81 -16.58
C HIS A 255 -9.51 -5.09 -16.29
N GLN A 256 -9.36 -6.10 -17.15
CA GLN A 256 -10.00 -7.37 -16.85
C GLN A 256 -9.50 -7.94 -15.53
N LEU A 257 -8.20 -7.82 -15.28
CA LEU A 257 -7.67 -8.28 -14.00
C LEU A 257 -8.31 -7.50 -12.85
N MET A 258 -8.51 -6.19 -13.01
CA MET A 258 -9.26 -5.43 -12.02
C MET A 258 -10.66 -6.02 -11.85
N LEU A 259 -11.32 -6.29 -12.95
CA LEU A 259 -12.69 -6.82 -12.83
C LEU A 259 -12.68 -8.15 -12.13
N ASP A 260 -11.63 -8.95 -12.34
CA ASP A 260 -11.55 -10.22 -11.64
C ASP A 260 -11.42 -9.98 -10.14
N CYS A 261 -10.64 -8.98 -9.75
CA CYS A 261 -10.48 -8.71 -8.34
C CYS A 261 -11.75 -8.20 -7.72
N TRP A 262 -12.68 -7.67 -8.53
CA TRP A 262 -13.92 -7.09 -8.02
C TRP A 262 -15.13 -7.99 -8.21
N GLN A 263 -14.94 -9.30 -8.33
N GLN A 263 -14.92 -9.30 -8.32
CA GLN A 263 -16.08 -10.18 -8.39
CA GLN A 263 -16.07 -10.19 -8.36
C GLN A 263 -16.83 -10.15 -7.06
C GLN A 263 -16.83 -10.10 -7.05
N LYS A 264 -18.16 -10.15 -7.16
CA LYS A 264 -18.97 -10.06 -5.95
C LYS A 264 -18.74 -11.26 -5.06
N ASP A 265 -18.68 -12.45 -5.65
CA ASP A 265 -18.38 -13.67 -4.90
C ASP A 265 -16.91 -13.64 -4.55
N ARG A 266 -16.59 -13.50 -3.26
CA ARG A 266 -15.19 -13.33 -2.91
C ARG A 266 -14.36 -14.56 -3.26
N ASN A 267 -15.00 -15.73 -3.30
CA ASN A 267 -14.28 -16.95 -3.62
C ASN A 267 -13.91 -17.02 -5.10
N ALA A 268 -14.50 -16.18 -5.92
CA ALA A 268 -14.23 -16.18 -7.35
C ALA A 268 -13.10 -15.24 -7.73
N ARG A 269 -12.72 -14.35 -6.82
CA ARG A 269 -11.61 -13.47 -7.08
C ARG A 269 -10.33 -14.28 -7.13
N PRO A 270 -9.36 -13.87 -7.94
CA PRO A 270 -8.06 -14.50 -7.89
C PRO A 270 -7.44 -14.30 -6.52
N ARG A 271 -6.60 -15.22 -6.12
CA ARG A 271 -5.77 -15.04 -4.95
C ARG A 271 -4.47 -14.38 -5.35
N PHE A 272 -3.74 -13.83 -4.37
CA PHE A 272 -2.56 -13.03 -4.71
C PHE A 272 -1.53 -13.81 -5.51
N PRO A 273 -1.26 -15.08 -5.23
CA PRO A 273 -0.32 -15.82 -6.11
C PRO A 273 -0.71 -15.78 -7.57
N GLN A 274 -2.00 -15.98 -7.87
N GLN A 274 -2.00 -15.94 -7.87
CA GLN A 274 -2.47 -15.91 -9.25
CA GLN A 274 -2.44 -15.89 -9.26
C GLN A 274 -2.35 -14.49 -9.82
C GLN A 274 -2.36 -14.48 -9.82
N ILE A 275 -2.54 -13.48 -8.97
CA ILE A 275 -2.40 -12.11 -9.42
C ILE A 275 -0.95 -11.84 -9.82
N VAL A 276 -0.01 -12.24 -8.98
CA VAL A 276 1.40 -12.05 -9.34
C VAL A 276 1.70 -12.76 -10.65
N SER A 277 1.26 -14.02 -10.78
N SER A 277 1.26 -14.00 -10.78
CA SER A 277 1.53 -14.78 -12.00
CA SER A 277 1.53 -14.77 -11.99
C SER A 277 0.94 -14.09 -13.23
C SER A 277 0.95 -14.08 -13.22
N ALA A 278 -0.24 -13.49 -13.08
CA ALA A 278 -0.86 -12.81 -14.21
C ALA A 278 -0.04 -11.60 -14.63
N LEU A 279 0.48 -10.85 -13.66
CA LEU A 279 1.28 -9.69 -14.00
C LEU A 279 2.60 -10.13 -14.61
N ASP A 280 3.18 -11.20 -14.08
CA ASP A 280 4.41 -11.72 -14.66
C ASP A 280 4.23 -12.14 -16.10
N LYS A 281 3.09 -12.75 -16.42
CA LYS A 281 2.80 -13.10 -17.81
C LYS A 281 2.73 -11.87 -18.69
N MET A 282 2.16 -10.78 -18.17
CA MET A 282 2.09 -9.55 -18.95
C MET A 282 3.48 -8.99 -19.21
N ILE A 283 4.35 -9.03 -18.21
CA ILE A 283 5.70 -8.50 -18.39
C ILE A 283 6.46 -9.34 -19.40
N ARG A 284 6.22 -10.66 -19.42
CA ARG A 284 6.88 -11.50 -20.42
C ARG A 284 6.31 -11.30 -21.81
N ASN A 285 5.02 -10.97 -21.91
CA ASN A 285 4.34 -10.85 -23.20
C ASN A 285 3.79 -9.44 -23.35
N PRO A 286 4.67 -8.44 -23.45
CA PRO A 286 4.20 -7.05 -23.47
C PRO A 286 3.34 -6.71 -24.66
N ALA A 287 3.37 -7.52 -25.72
CA ALA A 287 2.44 -7.30 -26.83
C ALA A 287 1.00 -7.37 -26.36
N SER A 288 0.73 -8.14 -25.30
CA SER A 288 -0.61 -8.23 -24.76
C SER A 288 -1.05 -6.91 -24.14
N LEU A 289 -0.12 -6.06 -23.72
CA LEU A 289 -0.46 -4.79 -23.11
C LEU A 289 -0.76 -3.69 -24.13
N LYS A 290 -0.61 -3.97 -25.42
CA LYS A 290 -0.88 -2.97 -26.43
C LYS A 290 -2.36 -2.85 -26.76
N ILE A 291 -3.16 -3.86 -26.40
CA ILE A 291 -4.58 -3.87 -26.70
C ILE A 291 -5.29 -3.02 -25.66
N VAL A 292 -5.85 -1.90 -26.10
CA VAL A 292 -6.66 -1.03 -25.25
C VAL A 292 -8.06 -0.97 -25.86
N ALA A 293 -9.00 -0.42 -25.10
CA ALA A 293 -10.38 -0.37 -25.54
C ALA A 293 -10.60 0.82 -26.47
N ARG A 294 -11.79 0.88 -27.05
CA ARG A 294 -12.17 2.00 -27.90
C ARG A 294 -12.65 3.18 -27.05
#